data_6M6J
#
_entry.id   6M6J
#
loop_
_entity.id
_entity.type
_entity.pdbx_description
1 polymer "DNA (5'-D(*CP*TP*TP*GP*(3DR)P*CP*TP*TP*G)-3')"
2 non-polymer 'SODIUM ION'
#
_entity_poly.entity_id   1
_entity_poly.type   'polydeoxyribonucleotide'
_entity_poly.pdbx_seq_one_letter_code
;(DC)(DT)(DT)(DG)(3DR)(DC)(DT)(DT)(DG)
;
_entity_poly.pdbx_strand_id   A
#
loop_
_chem_comp.id
_chem_comp.type
_chem_comp.name
_chem_comp.formula
3DR DNA linking 1',2'-DIDEOXYRIBOFURANOSE-5'-PHOSPHATE 'C5 H11 O6 P'
DC DNA linking 2'-DEOXYCYTIDINE-5'-MONOPHOSPHATE 'C9 H14 N3 O7 P'
DG DNA linking 2'-DEOXYGUANOSINE-5'-MONOPHOSPHATE 'C10 H14 N5 O7 P'
DT DNA linking THYMIDINE-5'-MONOPHOSPHATE 'C10 H15 N2 O8 P'
NA non-polymer 'SODIUM ION' 'Na 1'
#
# COMPACT_ATOMS: atom_id res chain seq x y z
O5' 3DR A 5 -3.21 -0.33 -0.24
P 3DR A 5 -3.75 -0.27 1.29
OP1 3DR A 5 -4.41 1.03 1.54
OP2 3DR A 5 -4.44 -1.54 1.62
C2' 3DR A 5 0.07 2.14 -2.45
C5' 3DR A 5 -2.74 0.80 -0.96
C4' 3DR A 5 -1.27 1.20 -0.67
O4' 3DR A 5 -0.38 0.24 -1.22
C1' 3DR A 5 -0.08 0.63 -2.55
C3' 3DR A 5 -0.93 2.55 -1.37
O3' 3DR A 5 -0.28 3.57 -0.61
H2' 3DR A 5 -0.14 2.63 -3.40
H2'' 3DR A 5 1.09 2.36 -2.11
H5' 3DR A 5 -3.39 1.66 -0.76
H5'' 3DR A 5 -2.78 0.56 -2.01
H4'1 3DR A 5 -1.13 1.26 0.40
H1'1 3DR A 5 -0.92 0.36 -3.20
H1'2 3DR A 5 0.83 0.15 -2.87
H3' 3DR A 5 -1.83 2.94 -1.83
NA NA B . -5.49 -3.42 2.07
NA NA C . 0.47 5.90 -0.90
NA NA D . -2.85 -8.69 5.53
NA NA E . 14.06 -2.34 0.29
NA NA F . -3.00 2.23 2.76
NA NA G . 6.83 -6.68 -4.23
NA NA H . 6.28 -15.51 7.97
NA NA I . 6.76 5.61 4.81
O5' 3DR A 5 -3.14 0.17 -0.07
P 3DR A 5 -3.49 0.14 1.51
OP1 3DR A 5 -3.93 1.50 1.91
OP2 3DR A 5 -4.33 -1.05 1.81
C2' 3DR A 5 0.69 1.97 -2.20
C5' 3DR A 5 -2.52 1.29 -0.74
C4' 3DR A 5 -1.00 1.40 -0.58
O4' 3DR A 5 -0.39 0.23 -1.16
C1' 3DR A 5 0.11 0.58 -2.42
C3' 3DR A 5 -0.42 2.61 -1.36
O3' 3DR A 5 0.16 3.75 -0.71
H2' 3DR A 5 0.85 2.51 -3.13
H2'' 3DR A 5 1.61 1.90 -1.60
H5' 3DR A 5 -2.99 2.21 -0.43
H5'' 3DR A 5 -2.70 1.15 -1.80
H4'1 3DR A 5 -0.74 1.44 0.48
H1'1 3DR A 5 -0.71 0.62 -3.14
H1'2 3DR A 5 0.87 -0.14 -2.73
H3' 3DR A 5 -1.18 2.97 -2.06
NA NA B . -5.32 -2.96 2.38
NA NA C . 3.62 5.49 1.68
NA NA D . -2.97 -8.56 5.45
NA NA E . 14.01 -2.30 0.10
NA NA F . -2.66 3.23 2.43
NA NA G . 6.87 -6.86 -4.30
NA NA H . 6.32 -15.22 8.12
NA NA I . 8.12 1.95 5.45
O5' 3DR A 5 -3.27 -0.35 -0.28
P 3DR A 5 -3.82 -0.32 1.24
OP1 3DR A 5 -4.51 0.96 1.50
OP2 3DR A 5 -4.50 -1.60 1.54
C2' 3DR A 5 -0.07 2.36 -2.37
C5' 3DR A 5 -2.81 0.80 -0.98
C4' 3DR A 5 -1.38 1.24 -0.66
O4' 3DR A 5 -0.44 0.36 -1.26
C1' 3DR A 5 -0.13 0.85 -2.55
C3' 3DR A 5 -1.08 2.64 -1.25
O3' 3DR A 5 -0.51 3.67 -0.44
H2' 3DR A 5 -0.32 2.88 -3.28
H2'' 3DR A 5 0.94 2.63 -2.02
H5' 3DR A 5 -3.50 1.63 -0.78
H5'' 3DR A 5 -2.85 0.58 -2.04
H4'1 3DR A 5 -1.24 1.24 0.42
H1'1 3DR A 5 -0.93 0.57 -3.23
H1'2 3DR A 5 0.82 0.45 -2.88
H3' 3DR A 5 -2.00 3.01 -1.71
NA NA B . -5.53 -3.48 2.00
NA NA C . -0.56 6.13 -0.43
NA NA D . -2.88 -8.60 5.64
NA NA E . 14.28 -2.41 0.04
NA NA F . -3.14 2.01 2.92
NA NA G . 6.73 -6.67 -4.28
NA NA H . 6.25 -15.71 7.47
NA NA I . 6.76 5.57 4.65
O5' 3DR A 5 -3.24 -0.02 0.04
P 3DR A 5 -3.59 0.11 1.62
OP1 3DR A 5 -3.95 1.52 1.91
OP2 3DR A 5 -4.53 -0.99 1.98
C2' 3DR A 5 0.55 1.59 -2.24
C5' 3DR A 5 -2.64 1.03 -0.72
C4' 3DR A 5 -1.12 1.15 -0.58
O4' 3DR A 5 -0.52 -0.06 -1.06
C1' 3DR A 5 -0.01 0.19 -2.35
C3' 3DR A 5 -0.54 2.30 -1.45
O3' 3DR A 5 0.03 3.48 -0.88
H2' 3DR A 5 0.71 2.05 -3.22
H2'' 3DR A 5 1.48 1.57 -1.65
H5' 3DR A 5 -3.12 1.98 -0.48
H5'' 3DR A 5 -2.84 0.82 -1.77
H4'1 3DR A 5 -0.87 1.27 0.47
H1'1 3DR A 5 -0.85 0.16 -3.06
H1'2 3DR A 5 0.74 -0.55 -2.60
H3' 3DR A 5 -1.31 2.60 -2.17
NA NA B . -5.61 -2.91 2.42
NA NA C . 3.66 5.27 0.76
NA NA D . -3.20 -8.53 5.69
NA NA E . 14.26 -2.11 0.08
NA NA F . -2.71 3.28 2.32
NA NA G . 7.07 -7.16 -4.03
NA NA H . 5.64 -15.85 7.05
NA NA I . 6.69 4.42 6.04
O5' 3DR A 5 -3.13 0.09 -0.15
P 3DR A 5 -3.54 0.11 1.41
OP1 3DR A 5 -3.98 1.48 1.77
OP2 3DR A 5 -4.41 -1.06 1.72
C2' 3DR A 5 0.77 1.90 -2.14
C5' 3DR A 5 -2.51 1.17 -0.83
C4' 3DR A 5 -0.99 1.28 -0.62
O4' 3DR A 5 -0.36 0.14 -1.18
C1' 3DR A 5 0.24 0.51 -2.41
C3' 3DR A 5 -0.39 2.52 -1.37
O3' 3DR A 5 0.12 3.67 -0.68
H2' 3DR A 5 0.98 2.45 -3.06
H2'' 3DR A 5 1.66 1.85 -1.51
H5' 3DR A 5 -2.99 2.10 -0.56
H5'' 3DR A 5 -2.65 1.01 -1.90
H4'1 3DR A 5 -0.77 1.33 0.44
H1'1 3DR A 5 -0.54 0.53 -3.17
H1'2 3DR A 5 1.02 -0.20 -2.67
H3' 3DR A 5 -1.12 2.85 -2.10
NA NA B . -5.45 -2.92 2.31
NA NA C . 3.64 5.37 1.28
NA NA D . -3.12 -8.53 5.49
NA NA E . 16.02 -6.21 -3.85
NA NA F . -2.79 3.25 2.35
NA NA G . 6.92 -7.08 -4.02
NA NA H . 6.12 -15.14 8.13
NA NA I . 13.80 -2.14 0.48
O5' 3DR A 5 -3.18 0.18 -0.05
P 3DR A 5 -3.55 0.17 1.52
OP1 3DR A 5 -3.97 1.52 1.93
OP2 3DR A 5 -4.40 -1.02 1.82
C2' 3DR A 5 0.67 1.95 -2.15
C5' 3DR A 5 -2.57 1.28 -0.73
C4' 3DR A 5 -1.04 1.38 -0.55
O4' 3DR A 5 -0.45 0.22 -1.13
C1' 3DR A 5 0.08 0.57 -2.39
C3' 3DR A 5 -0.45 2.59 -1.34
O3' 3DR A 5 0.11 3.73 -0.69
H2' 3DR A 5 0.84 2.48 -3.09
H2'' 3DR A 5 1.58 1.89 -1.54
H5' 3DR A 5 -3.05 2.22 -0.42
H5'' 3DR A 5 -2.74 1.15 -1.79
H4'1 3DR A 5 -0.78 1.43 0.49
H1'1 3DR A 5 -0.73 0.60 -3.12
H1'2 3DR A 5 0.84 -0.15 -2.69
H3' 3DR A 5 -1.20 2.95 -2.04
NA NA B . -5.32 -2.95 2.40
NA NA C . 3.70 5.43 1.14
NA NA D . -2.99 -8.61 5.33
NA NA E . 13.98 -2.34 0.31
NA NA F . -2.70 3.24 2.45
NA NA G . 6.82 -6.94 -4.26
NA NA H . 6.53 -14.55 8.63
NA NA I . 6.74 4.25 6.37
O5' 3DR A 5 -3.29 -0.13 -0.22
P 3DR A 5 -3.74 -0.09 1.33
OP1 3DR A 5 -4.30 1.24 1.66
OP2 3DR A 5 -4.50 -1.32 1.65
C2' 3DR A 5 0.45 2.01 -2.22
C5' 3DR A 5 -2.75 1.00 -0.92
C4' 3DR A 5 -1.25 1.25 -0.68
O4' 3DR A 5 -0.50 0.17 -1.22
C1' 3DR A 5 0.02 0.58 -2.46
C3' 3DR A 5 -0.75 2.53 -1.42
O3' 3DR A 5 -0.34 3.70 -0.70
H2' 3DR A 5 0.57 2.56 -3.15
H2'' 3DR A 5 1.35 2.04 -1.61
H5' 3DR A 5 -3.32 1.89 -0.68
H5'' 3DR A 5 -2.83 0.79 -1.98
H4'1 3DR A 5 -1.07 1.31 0.40
H1'1 3DR A 5 -0.78 0.52 -3.21
H1'2 3DR A 5 0.86 -0.06 -2.74
H3' 3DR A 5 -1.52 2.82 -2.14
NA NA B . -5.51 -3.21 2.18
NA NA C . 0.74 5.85 -1.06
NA NA D . -2.98 -8.61 5.51
NA NA E . 14.15 -2.41 0.20
NA NA F . -2.77 2.36 2.78
NA NA G . 6.79 -6.80 -4.23
NA NA H . 6.25 -15.38 7.79
NA NA I . 6.48 6.00 3.65
O5' 3DR A 5 -3.19 -0.11 -0.03
P 3DR A 5 -3.50 0.17 1.54
OP1 3DR A 5 -3.75 1.62 1.72
OP2 3DR A 5 -4.46 -0.85 2.03
C2' 3DR A 5 0.66 2.18 -1.92
C5' 3DR A 5 -2.61 0.86 -0.89
C4' 3DR A 5 -1.11 1.10 -0.66
O4' 3DR A 5 -0.30 0.14 -1.34
C1' 3DR A 5 0.35 0.78 -2.41
C3' 3DR A 5 -0.65 2.47 -1.19
O3' 3DR A 5 -0.63 3.47 -0.17
H2' 3DR A 5 0.83 2.87 -2.73
H2'' 3DR A 5 1.51 2.15 -1.23
H5' 3DR A 5 -3.15 1.80 -0.78
H5'' 3DR A 5 -2.74 0.52 -1.92
H4'1 3DR A 5 -0.90 1.06 0.41
H1'1 3DR A 5 -0.34 0.81 -3.27
H1'2 3DR A 5 1.25 0.23 -2.68
H3' 3DR A 5 -1.37 2.79 -1.94
NA NA B . -5.46 -2.77 2.59
NA NA C . 3.82 5.15 0.47
NA NA D . -3.16 -8.55 5.43
NA NA E . 14.13 -2.14 0.16
NA NA F . -2.27 3.28 1.92
NA NA G . 6.93 -7.04 -4.01
NA NA H . 6.12 -15.04 8.16
NA NA I . 6.65 4.62 6.02
O5' 3DR A 5 -3.40 -0.12 -0.10
P 3DR A 5 -3.78 -0.05 1.47
OP1 3DR A 5 -4.31 1.29 1.79
OP2 3DR A 5 -4.53 -1.26 1.86
C2' 3DR A 5 0.27 1.90 -2.31
C5' 3DR A 5 -2.87 0.97 -0.85
C4' 3DR A 5 -1.36 1.23 -0.66
O4' 3DR A 5 -0.64 0.12 -1.20
C1' 3DR A 5 -0.18 0.46 -2.48
C3' 3DR A 5 -0.88 2.46 -1.48
O3' 3DR A 5 -0.44 3.65 -0.84
H2' 3DR A 5 0.37 2.41 -3.26
H2'' 3DR A 5 1.20 1.94 -1.73
H5' 3DR A 5 -3.42 1.88 -0.62
H5'' 3DR A 5 -2.98 0.73 -1.90
H4'1 3DR A 5 -1.13 1.33 0.39
H1'1 3DR A 5 -1.02 0.39 -3.19
H1'2 3DR A 5 0.63 -0.20 -2.77
H3' 3DR A 5 -1.68 2.73 -2.18
NA NA B . -5.53 -3.15 2.45
NA NA C . 0.65 5.78 -1.34
NA NA D . -2.89 -8.60 5.58
NA NA E . 14.32 -2.47 0.45
NA NA F . -2.77 2.54 2.77
NA NA G . 6.80 -6.73 -4.34
NA NA H . 6.46 -15.15 8.06
NA NA I . 6.47 6.08 3.23
O5' 3DR A 5 -3.20 -0.01 -0.04
P 3DR A 5 -3.49 0.21 1.55
OP1 3DR A 5 -3.76 1.65 1.78
OP2 3DR A 5 -4.41 -0.85 2.04
C2' 3DR A 5 0.64 2.29 -1.91
C5' 3DR A 5 -2.63 0.98 -0.88
C4' 3DR A 5 -1.12 1.19 -0.68
O4' 3DR A 5 -0.35 0.23 -1.39
C1' 3DR A 5 0.31 0.90 -2.45
C3' 3DR A 5 -0.67 2.57 -1.17
O3' 3DR A 5 -0.65 3.56 -0.15
H2' 3DR A 5 0.82 3.00 -2.71
H2'' 3DR A 5 1.49 2.23 -1.24
H5' 3DR A 5 -3.15 1.93 -0.72
H5'' 3DR A 5 -2.78 0.69 -1.91
H4'1 3DR A 5 -0.89 1.14 0.39
H1'1 3DR A 5 -0.39 0.97 -3.29
H1'2 3DR A 5 1.20 0.35 -2.75
H3' 3DR A 5 -1.39 2.88 -1.93
NA NA B . -5.33 -2.76 2.68
NA NA C . 3.80 5.24 0.49
NA NA D . -3.13 -8.39 5.65
NA NA E . 14.22 -2.14 -0.02
NA NA F . -2.27 3.31 2.01
NA NA G . 1.29 -5.81 -2.67
NA NA H . 5.64 -16.17 6.84
NA NA I . 6.62 4.64 5.94
O5' 3DR A 5 -3.16 0.05 -0.04
P 3DR A 5 -3.49 0.20 1.53
OP1 3DR A 5 -3.80 1.63 1.83
OP2 3DR A 5 -4.40 -0.90 1.95
C2' 3DR A 5 0.70 2.48 -1.72
C5' 3DR A 5 -2.58 1.10 -0.82
C4' 3DR A 5 -1.07 1.31 -0.58
O4' 3DR A 5 -0.28 0.40 -1.33
C1' 3DR A 5 0.40 1.13 -2.33
C3' 3DR A 5 -0.62 2.72 -1.00
O3' 3DR A 5 -0.64 3.65 0.08
H2' 3DR A 5 0.89 3.24 -2.47
H2'' 3DR A 5 1.53 2.40 -1.02
H5' 3DR A 5 -3.12 2.02 -0.64
H5'' 3DR A 5 -2.71 0.84 -1.87
H4'1 3DR A 5 -0.87 1.21 0.48
H1'1 3DR A 5 -0.29 1.24 -3.18
H1'2 3DR A 5 1.30 0.59 -2.64
H3' 3DR A 5 -1.34 3.07 -1.75
NA NA B . -5.32 -2.86 2.46
NA NA C . 3.77 5.34 0.88
NA NA D . -2.99 -8.52 5.33
NA NA E . 13.64 -2.20 0.92
NA NA F . -2.31 3.26 2.19
NA NA G . 14.06 -5.71 -3.70
NA NA H . 6.24 -15.21 8.03
NA NA I . 6.82 4.32 6.25
O5' 3DR A 5 -3.15 -0.02 -0.07
P 3DR A 5 -3.46 0.19 1.50
OP1 3DR A 5 -3.75 1.62 1.75
OP2 3DR A 5 -4.37 -0.88 1.97
C2' 3DR A 5 0.68 2.39 -1.86
C5' 3DR A 5 -2.58 0.99 -0.90
C4' 3DR A 5 -1.07 1.24 -0.67
O4' 3DR A 5 -0.27 0.31 -1.39
C1' 3DR A 5 0.38 1.02 -2.43
C3' 3DR A 5 -0.64 2.63 -1.12
O3' 3DR A 5 -0.64 3.58 -0.06
H2' 3DR A 5 0.84 3.14 -2.64
H2'' 3DR A 5 1.52 2.33 -1.18
H5' 3DR A 5 -3.12 1.92 -0.74
H5'' 3DR A 5 -2.70 0.70 -1.94
H4'1 3DR A 5 -0.85 1.15 0.39
H1'1 3DR A 5 -0.31 1.08 -3.27
H1'2 3DR A 5 1.29 0.49 -2.73
H3' 3DR A 5 -1.36 2.97 -1.86
NA NA B . 6.74 -6.90 -4.23
NA NA C . 3.78 5.29 0.63
NA NA D . -2.99 -8.49 5.45
NA NA E . 14.09 -2.31 0.00
NA NA F . -2.28 3.27 2.03
NA NA G . -5.31 -2.82 2.55
NA NA H . 6.29 -15.11 8.16
NA NA I . 6.70 4.62 6.08
O5' 3DR A 5 -3.18 0.14 -0.13
P 3DR A 5 -3.57 0.14 1.43
OP1 3DR A 5 -4.01 1.51 1.82
OP2 3DR A 5 -4.42 -1.05 1.74
C2' 3DR A 5 0.72 1.89 -2.15
C5' 3DR A 5 -2.55 1.24 -0.81
C4' 3DR A 5 -1.03 1.35 -0.59
O4' 3DR A 5 -0.43 0.18 -1.14
C1' 3DR A 5 0.13 0.51 -2.39
C3' 3DR A 5 -0.41 2.54 -1.37
O3' 3DR A 5 0.15 3.68 -0.72
H2' 3DR A 5 0.92 2.40 -3.09
H2'' 3DR A 5 1.61 1.82 -1.53
H5' 3DR A 5 -3.04 2.18 -0.52
H5'' 3DR A 5 -2.69 1.10 -1.88
H4'1 3DR A 5 -0.81 1.41 0.47
H1'1 3DR A 5 -0.68 0.54 -3.13
H1'2 3DR A 5 0.88 -0.23 -2.67
H3' 3DR A 5 -1.15 2.89 -2.10
NA NA B . -5.40 -2.93 2.38
NA NA C . 3.68 5.39 1.20
NA NA D . -3.09 -8.56 5.41
NA NA E . 13.98 -2.21 0.14
NA NA F . -2.75 3.22 2.35
NA NA G . 1.36 -5.82 -2.69
NA NA H . 6.18 -15.32 7.90
NA NA I . 7.16 4.18 6.36
O5' 3DR A 5 -3.08 -0.14 -0.01
P 3DR A 5 -3.33 0.16 1.56
OP1 3DR A 5 -3.59 1.60 1.75
OP2 3DR A 5 -4.25 -0.88 2.11
C2' 3DR A 5 0.56 2.19 -2.23
C5' 3DR A 5 -2.59 0.84 -0.93
C4' 3DR A 5 -1.08 1.13 -0.79
O4' 3DR A 5 -0.30 0.15 -1.47
C1' 3DR A 5 0.26 0.74 -2.63
C3' 3DR A 5 -0.70 2.48 -1.43
O3' 3DR A 5 -0.62 3.55 -0.48
H2' 3DR A 5 0.65 2.83 -3.11
H2'' 3DR A 5 1.46 2.22 -1.61
H5' 3DR A 5 -3.15 1.77 -0.80
H5'' 3DR A 5 -2.76 0.48 -1.95
H4'1 3DR A 5 -0.81 1.14 0.26
H1'1 3DR A 5 -0.49 0.71 -3.42
H1'2 3DR A 5 1.16 0.21 -2.93
H3' 3DR A 5 -1.48 2.74 -2.15
NA NA B . 2.13 -4.15 4.51
NA NA C . 3.83 5.22 0.22
NA NA D . -3.05 -8.42 5.84
NA NA E . 10.06 -6.64 2.05
NA NA F . -2.20 3.33 1.86
NA NA G . -5.26 -2.73 2.76
NA NA H . 6.04 -15.55 7.57
NA NA I . 13.94 -2.51 0.30
O5' 3DR A 5 -3.17 -0.01 -0.10
P 3DR A 5 -3.40 0.20 1.50
OP1 3DR A 5 -3.68 1.63 1.75
OP2 3DR A 5 -4.30 -0.87 2.01
C2' 3DR A 5 0.65 2.38 -1.94
C5' 3DR A 5 -2.60 0.98 -0.94
C4' 3DR A 5 -1.09 1.21 -0.75
O4' 3DR A 5 -0.32 0.30 -1.53
C1' 3DR A 5 0.34 1.02 -2.55
C3' 3DR A 5 -0.66 2.61 -1.19
O3' 3DR A 5 -0.66 3.53 -0.10
H2' 3DR A 5 0.82 3.14 -2.70
H2'' 3DR A 5 1.50 2.30 -1.26
H5' 3DR A 5 -3.14 1.93 -0.77
H5'' 3DR A 5 -2.76 0.70 -1.98
H4'1 3DR A 5 -0.83 1.10 0.29
H1'1 3DR A 5 -0.35 1.13 -3.39
H1'2 3DR A 5 1.24 0.49 -2.87
H3' 3DR A 5 -1.39 2.94 -1.93
NA NA B . -5.22 -2.76 2.75
NA NA C . 3.73 5.33 0.61
NA NA D . -2.93 -8.26 5.88
NA NA E . 9.29 -5.73 2.96
NA NA F . -2.26 3.32 1.97
NA NA G . 6.90 -6.81 -4.15
NA NA H . 5.84 -16.03 7.33
NA NA I . 13.94 -1.98 0.73
O5' 3DR A 5 -2.91 -0.20 -0.12
P 3DR A 5 -3.27 0.09 1.42
OP1 3DR A 5 -3.58 1.54 1.58
OP2 3DR A 5 -4.20 -0.96 1.90
C2' 3DR A 5 0.73 2.42 -2.02
C5' 3DR A 5 -2.39 0.79 -1.01
C4' 3DR A 5 -0.90 1.15 -0.77
O4' 3DR A 5 -0.02 0.28 -1.46
C1' 3DR A 5 0.53 1.01 -2.55
C3' 3DR A 5 -0.59 2.57 -1.26
O3' 3DR A 5 -0.64 3.55 -0.24
H2' 3DR A 5 0.82 3.15 -2.83
H2'' 3DR A 5 1.59 2.45 -1.36
H5' 3DR A 5 -3.00 1.69 -0.92
H5'' 3DR A 5 -2.49 0.42 -2.03
H4'1 3DR A 5 -0.70 1.11 0.30
H1'1 3DR A 5 -0.19 0.99 -3.37
H1'2 3DR A 5 1.47 0.55 -2.87
H3' 3DR A 5 -1.35 2.83 -2.01
NA NA B . -5.26 -2.84 2.42
NA NA C . 3.72 5.43 0.54
NA NA D . 2.03 -4.09 4.72
NA NA E . 16.03 -4.49 -1.52
NA NA F . -2.30 3.34 1.78
NA NA G . 6.80 -6.85 -4.37
NA NA H . -3.05 -8.60 5.44
NA NA I . 13.40 -2.44 1.05
O5' 3DR A 5 -3.26 -0.16 -0.24
P 3DR A 5 -3.75 -0.10 1.29
OP1 3DR A 5 -4.31 1.24 1.58
OP2 3DR A 5 -4.51 -1.32 1.63
C2' 3DR A 5 0.48 2.00 -2.20
C5' 3DR A 5 -2.71 0.94 -0.96
C4' 3DR A 5 -1.23 1.23 -0.68
O4' 3DR A 5 -0.45 0.16 -1.20
C1' 3DR A 5 0.08 0.56 -2.44
C3' 3DR A 5 -0.74 2.51 -1.43
O3' 3DR A 5 -0.35 3.68 -0.71
H2' 3DR A 5 0.61 2.53 -3.14
H2'' 3DR A 5 1.38 2.05 -1.59
H5' 3DR A 5 -3.31 1.84 -0.77
H5'' 3DR A 5 -2.76 0.71 -2.02
H4'1 3DR A 5 -1.07 1.30 0.39
H1'1 3DR A 5 -0.69 0.47 -3.20
H1'2 3DR A 5 0.94 -0.07 -2.69
H3' 3DR A 5 -1.49 2.79 -2.16
NA NA B . -5.50 -3.24 2.14
NA NA C . 0.63 5.88 -1.07
NA NA D . -2.98 -8.69 5.36
NA NA E . 14.17 -2.36 -0.21
NA NA F . -2.80 2.37 2.74
NA NA G . 6.79 -6.87 -4.20
NA NA H . 6.16 -15.45 7.77
NA NA I . 6.63 6.01 3.54
O5' 3DR A 5 -3.22 -0.30 -0.22
P 3DR A 5 -3.70 -0.24 1.32
OP1 3DR A 5 -4.35 1.07 1.59
OP2 3DR A 5 -4.38 -1.50 1.69
C2' 3DR A 5 0.16 1.96 -2.54
C5' 3DR A 5 -2.73 0.83 -0.94
C4' 3DR A 5 -1.23 1.14 -0.74
O4' 3DR A 5 -0.43 0.11 -1.31
C1' 3DR A 5 -0.15 0.48 -2.64
C3' 3DR A 5 -0.85 2.44 -1.50
O3' 3DR A 5 -0.19 3.50 -0.81
H2' 3DR A 5 0.03 2.46 -3.50
H2'' 3DR A 5 1.17 2.09 -2.16
H5' 3DR A 5 -3.32 1.71 -0.71
H5'' 3DR A 5 -2.83 0.61 -2.00
H4'1 3DR A 5 -1.04 1.23 0.32
H1'1 3DR A 5 -1.03 0.28 -3.26
H1'2 3DR A 5 0.71 -0.10 -3.01
H3' 3DR A 5 -1.73 2.83 -2.01
NA NA B . -5.43 -3.33 2.31
NA NA C . 0.39 5.85 -1.26
NA NA D . -2.81 -8.74 5.46
NA NA E . 13.99 -2.35 0.30
NA NA F . -2.91 2.35 2.65
NA NA G . 1.50 -5.65 -2.49
NA NA H . 6.34 -15.55 7.86
NA NA I . 6.79 5.50 4.97
O5' 3DR A 5 -3.26 -0.34 -0.17
P 3DR A 5 -3.77 -0.25 1.36
OP1 3DR A 5 -4.42 1.06 1.60
OP2 3DR A 5 -4.48 -1.50 1.72
C2' 3DR A 5 -0.02 2.12 -2.47
C5' 3DR A 5 -2.79 0.79 -0.92
C4' 3DR A 5 -1.33 1.20 -0.66
O4' 3DR A 5 -0.44 0.22 -1.22
C1' 3DR A 5 -0.17 0.61 -2.55
C3' 3DR A 5 -1.00 2.53 -1.38
O3' 3DR A 5 -0.35 3.58 -0.66
H2' 3DR A 5 -0.25 2.59 -3.43
H2'' 3DR A 5 1.00 2.35 -2.16
H5' 3DR A 5 -3.45 1.64 -0.73
H5'' 3DR A 5 -2.85 0.53 -1.97
H4'1 3DR A 5 -1.18 1.27 0.41
H1'1 3DR A 5 -1.01 0.32 -3.18
H1'2 3DR A 5 0.75 0.12 -2.88
H3' 3DR A 5 -1.91 2.92 -1.83
NA NA B . -5.52 -3.38 2.21
NA NA C . 0.10 5.99 -0.98
NA NA D . -2.82 -8.63 5.64
NA NA E . 14.12 -2.37 0.39
NA NA F . -2.97 2.24 2.80
NA NA G . 6.73 -6.68 -4.25
NA NA H . 6.28 -15.57 7.73
NA NA I . 6.69 5.47 4.98
O5' 3DR A 5 -3.16 0.19 -0.09
P 3DR A 5 -3.53 0.17 1.48
OP1 3DR A 5 -3.97 1.53 1.89
OP2 3DR A 5 -4.37 -1.02 1.77
C2' 3DR A 5 0.70 1.98 -2.16
C5' 3DR A 5 -2.54 1.30 -0.76
C4' 3DR A 5 -1.02 1.41 -0.58
O4' 3DR A 5 -0.43 0.25 -1.15
C1' 3DR A 5 0.12 0.60 -2.41
C3' 3DR A 5 -0.43 2.62 -1.36
O3' 3DR A 5 0.15 3.76 -0.69
H2' 3DR A 5 0.88 2.52 -3.09
H2'' 3DR A 5 1.60 1.91 -1.55
H5' 3DR A 5 -3.02 2.24 -0.45
H5'' 3DR A 5 -2.70 1.17 -1.83
H4'1 3DR A 5 -0.78 1.45 0.47
H1'1 3DR A 5 -0.70 0.64 -3.14
H1'2 3DR A 5 0.87 -0.13 -2.71
H3' 3DR A 5 -1.17 2.97 -2.06
NA NA B . -5.33 -2.93 2.39
NA NA C . 3.68 5.44 1.23
NA NA D . -3.00 -8.50 5.45
NA NA E . 13.96 -2.25 0.23
NA NA F . -2.69 3.24 2.44
NA NA G . 6.69 -6.95 -4.19
NA NA H . 6.35 -15.13 8.10
NA NA I . 7.12 4.19 6.40
#